data_1FZX
#
_entry.id   1FZX
#
_cell.length_a   1.000
_cell.length_b   1.000
_cell.length_c   1.000
_cell.angle_alpha   90.00
_cell.angle_beta   90.00
_cell.angle_gamma   90.00
#
_symmetry.space_group_name_H-M   'P 1'
#
loop_
_entity.id
_entity.type
_entity.pdbx_description
1 polymer "5'-D(*GP*GP*CP*AP*AP*AP*AP*AP*AP*CP*GP*G)-3'"
2 polymer "5'-D(*CP*CP*GP*TP*TP*TP*TP*TP*TP*GP*CP*C)-3'"
#
loop_
_entity_poly.entity_id
_entity_poly.type
_entity_poly.pdbx_seq_one_letter_code
_entity_poly.pdbx_strand_id
1 'polydeoxyribonucleotide' (DG)(DG)(DC)(DA)(DA)(DA)(DA)(DA)(DA)(DC)(DG)(DG) A
2 'polydeoxyribonucleotide' (DC)(DC)(DG)(DT)(DT)(DT)(DT)(DT)(DT)(DG)(DC)(DC) B
#